data_3JYZ
#
_entry.id   3JYZ
#
_cell.length_a   63.059
_cell.length_b   63.059
_cell.length_c   67.736
_cell.angle_alpha   90.00
_cell.angle_beta   90.00
_cell.angle_gamma   90.00
#
_symmetry.space_group_name_H-M   'P 41 21 2'
#
loop_
_entity.id
_entity.type
_entity.pdbx_description
1 polymer 'Type IV pilin structural subunit'
2 non-polymer 'SULFATE ION'
3 water water
#
_entity_poly.entity_id   1
_entity_poly.type   'polypeptide(L)'
_entity_poly.pdbx_seq_one_letter_code
;GIDPFTVRTRVSEGLVLAEPAKL(MSE)ISTDGSASTADLTRATTTWNQQSNNLGASSKYVTSVL(MSE)DAGNTGVITI
TYVADQVGLPTAGNTLILSPYINDGNTRTALATAVAAGTRGTIDWACTSASNATATAQGFTG(MSE)AAGSVPQEFAPAQ
CR
;
_entity_poly.pdbx_strand_id   A
#
loop_
_chem_comp.id
_chem_comp.type
_chem_comp.name
_chem_comp.formula
SO4 non-polymer 'SULFATE ION' 'O4 S -2'
#
# COMPACT_ATOMS: atom_id res chain seq x y z
N GLY A 1 -13.67 -0.76 -25.44
CA GLY A 1 -12.93 -0.27 -24.28
C GLY A 1 -11.78 -1.21 -23.84
N ILE A 2 -11.02 -0.91 -22.82
CA ILE A 2 -9.95 -1.82 -22.40
C ILE A 2 -10.44 -3.14 -21.71
N ASP A 3 -9.82 -4.28 -21.96
CA ASP A 3 -10.23 -5.52 -21.32
C ASP A 3 -9.96 -5.42 -19.82
N PRO A 4 -10.92 -5.74 -18.95
CA PRO A 4 -10.67 -5.66 -17.54
C PRO A 4 -9.50 -6.47 -17.09
N PHE A 5 -9.16 -7.55 -17.77
CA PHE A 5 -8.04 -8.35 -17.34
C PHE A 5 -6.72 -7.66 -17.69
N THR A 6 -6.72 -6.94 -18.78
CA THR A 6 -5.56 -6.11 -19.09
C THR A 6 -5.42 -5.00 -18.04
N VAL A 7 -6.54 -4.40 -17.65
CA VAL A 7 -6.53 -3.38 -16.60
C VAL A 7 -5.90 -3.92 -15.31
N ARG A 8 -6.32 -5.11 -14.88
CA ARG A 8 -5.76 -5.73 -13.68
C ARG A 8 -4.26 -5.93 -13.77
N THR A 9 -3.80 -6.29 -14.97
CA THR A 9 -2.40 -6.57 -15.17
C THR A 9 -1.63 -5.27 -15.00
N ARG A 10 -2.18 -4.16 -15.46
CA ARG A 10 -1.54 -2.87 -15.28
C ARG A 10 -1.58 -2.41 -13.82
N VAL A 11 -2.69 -2.69 -13.13
CA VAL A 11 -2.78 -2.40 -11.70
C VAL A 11 -1.75 -3.23 -10.92
N SER A 12 -1.56 -4.48 -11.32
CA SER A 12 -0.53 -5.33 -10.70
C SER A 12 0.87 -4.72 -10.80
N GLU A 13 1.17 -4.08 -11.91
CA GLU A 13 2.43 -3.39 -11.99
C GLU A 13 2.69 -2.44 -10.91
N GLY A 14 1.67 -1.68 -10.49
CA GLY A 14 1.79 -0.75 -9.38
C GLY A 14 2.16 -1.40 -8.07
N LEU A 15 1.65 -2.60 -7.85
CA LEU A 15 1.97 -3.34 -6.63
C LEU A 15 3.45 -3.67 -6.61
N VAL A 16 3.99 -4.05 -7.76
CA VAL A 16 5.40 -4.36 -7.85
C VAL A 16 6.25 -3.11 -7.57
N LEU A 17 5.76 -1.96 -8.04
CA LEU A 17 6.44 -0.68 -7.81
C LEU A 17 6.50 -0.28 -6.32
N ALA A 18 5.57 -0.80 -5.53
CA ALA A 18 5.57 -0.53 -4.08
C ALA A 18 6.47 -1.47 -3.27
N GLU A 19 6.96 -2.54 -3.87
CA GLU A 19 7.77 -3.50 -3.13
C GLU A 19 8.99 -2.88 -2.44
N PRO A 20 9.70 -1.96 -3.10
CA PRO A 20 10.86 -1.36 -2.41
C PRO A 20 10.45 -0.52 -1.18
N ALA A 21 9.24 -0.01 -1.17
CA ALA A 21 8.75 0.72 0.01
C ALA A 21 8.52 -0.24 1.18
N LYS A 22 7.93 -1.39 0.89
CA LYS A 22 7.75 -2.42 1.91
C LYS A 22 9.10 -2.83 2.48
N LEU A 23 10.07 -3.01 1.59
CA LEU A 23 11.41 -3.42 2.00
C LEU A 23 12.05 -2.35 2.89
N MSE A 24 11.96 -1.08 2.47
CA MSE A 24 12.51 0.02 3.25
C MSE A 24 11.90 0.08 4.65
O MSE A 24 12.59 0.32 5.63
CB MSE A 24 12.35 1.37 2.54
CG MSE A 24 12.75 2.57 3.41
SE MSE A 24 12.56 4.30 2.48
CE MSE A 24 13.81 3.96 0.99
N ILE A 25 10.59 -0.10 4.74
CA ILE A 25 9.93 -0.09 6.03
C ILE A 25 10.44 -1.23 6.91
N SER A 26 10.60 -2.41 6.32
CA SER A 26 11.10 -3.57 7.04
C SER A 26 12.48 -3.35 7.62
N THR A 27 13.38 -2.78 6.82
CA THR A 27 14.79 -2.67 7.20
C THR A 27 15.10 -1.38 7.96
N ASP A 28 14.38 -0.31 7.65
CA ASP A 28 14.75 1.01 8.17
C ASP A 28 13.59 1.81 8.74
N GLY A 29 12.38 1.27 8.68
CA GLY A 29 11.23 2.02 9.14
C GLY A 29 10.38 1.39 10.22
N SER A 30 10.90 0.34 10.87
CA SER A 30 10.09 -0.35 11.86
C SER A 30 10.69 -0.61 13.24
N ALA A 31 11.88 -0.07 13.50
CA ALA A 31 12.51 -0.29 14.82
C ALA A 31 11.96 0.68 15.85
N SER A 32 11.40 1.79 15.39
CA SER A 32 10.90 2.84 16.28
C SER A 32 10.05 3.82 15.50
N THR A 33 9.27 4.63 16.22
CA THR A 33 8.47 5.68 15.59
C THR A 33 9.36 6.66 14.85
N ALA A 34 10.51 6.98 15.43
CA ALA A 34 11.47 7.87 14.78
C ALA A 34 11.95 7.33 13.44
N ASP A 35 12.21 6.02 13.38
CA ASP A 35 12.65 5.37 12.15
C ASP A 35 11.55 5.37 11.10
N LEU A 36 10.33 5.06 11.54
CA LEU A 36 9.19 5.04 10.63
C LEU A 36 8.95 6.43 10.05
N THR A 37 9.18 7.44 10.87
CA THR A 37 9.01 8.83 10.44
C THR A 37 10.07 9.19 9.41
N ARG A 38 11.31 8.79 9.69
CA ARG A 38 12.41 9.04 8.76
C ARG A 38 12.19 8.30 7.44
N ALA A 39 11.73 7.05 7.52
CA ALA A 39 11.48 6.24 6.34
C ALA A 39 10.41 6.88 5.46
N THR A 40 9.36 7.38 6.11
CA THR A 40 8.30 8.11 5.40
C THR A 40 8.88 9.30 4.62
N THR A 41 9.73 10.08 5.28
CA THR A 41 10.32 11.23 4.60
C THR A 41 11.22 10.80 3.46
N THR A 42 12.07 9.81 3.69
CA THR A 42 12.99 9.32 2.68
C THR A 42 12.24 8.80 1.45
N TRP A 43 11.26 7.93 1.68
CA TRP A 43 10.51 7.37 0.57
C TRP A 43 9.79 8.45 -0.24
N ASN A 44 9.06 9.32 0.44
CA ASN A 44 8.20 10.29 -0.23
C ASN A 44 8.97 11.30 -1.06
N GLN A 45 10.26 11.50 -0.76
CA GLN A 45 11.06 12.49 -1.48
C GLN A 45 11.46 11.99 -2.86
N GLN A 46 11.43 10.69 -3.02
CA GLN A 46 11.77 10.05 -4.30
C GLN A 46 10.88 10.50 -5.42
N SER A 47 11.36 10.36 -6.66
N SER A 47 11.38 10.44 -6.70
CA SER A 47 10.51 10.52 -7.84
CA SER A 47 10.53 10.61 -7.88
C SER A 47 9.73 11.83 -7.80
C SER A 47 9.75 11.92 -7.85
N ASN A 48 10.47 12.92 -7.55
CA ASN A 48 9.87 14.26 -7.54
C ASN A 48 8.74 14.37 -6.53
N ASN A 49 9.01 13.81 -5.35
CA ASN A 49 8.07 13.82 -4.22
C ASN A 49 6.78 13.05 -4.47
N LEU A 50 6.84 12.11 -5.41
CA LEU A 50 5.74 11.18 -5.66
C LEU A 50 6.04 9.74 -5.23
N GLY A 51 7.24 9.51 -4.70
CA GLY A 51 7.60 8.20 -4.15
C GLY A 51 8.08 7.24 -5.20
N ALA A 52 7.20 6.91 -6.14
CA ALA A 52 7.55 6.10 -7.31
C ALA A 52 6.51 6.38 -8.37
N SER A 53 6.88 6.16 -9.63
CA SER A 53 5.94 6.41 -10.72
C SER A 53 6.36 5.63 -11.96
N SER A 54 5.44 5.57 -12.93
CA SER A 54 5.68 4.83 -14.15
C SER A 54 4.62 5.29 -15.15
N LYS A 55 4.53 4.64 -16.28
CA LYS A 55 3.49 4.98 -17.19
C LYS A 55 2.09 4.81 -16.60
N TYR A 56 1.98 3.92 -15.71
CA TYR A 56 0.67 3.53 -15.19
C TYR A 56 0.47 4.05 -13.76
N VAL A 57 1.47 4.41 -13.08
CA VAL A 57 1.41 4.84 -11.71
C VAL A 57 1.81 6.30 -11.55
N THR A 58 0.89 7.09 -11.02
CA THR A 58 1.17 8.50 -10.74
C THR A 58 2.09 8.63 -9.53
N SER A 59 1.78 7.89 -8.47
CA SER A 59 2.50 8.05 -7.21
C SER A 59 2.31 6.85 -6.30
N VAL A 60 3.31 6.63 -5.45
CA VAL A 60 3.27 5.61 -4.41
C VAL A 60 3.75 6.34 -3.17
N LEU A 61 2.81 6.72 -2.30
CA LEU A 61 3.16 7.62 -1.20
C LEU A 61 2.82 7.02 0.16
N MSE A 62 3.73 7.19 1.12
CA MSE A 62 3.47 6.81 2.49
C MSE A 62 2.73 7.93 3.22
O MSE A 62 3.00 9.12 2.99
CB MSE A 62 4.77 6.50 3.23
CG MSE A 62 5.45 5.28 2.69
SE MSE A 62 7.15 4.90 3.57
CE MSE A 62 6.54 4.59 5.38
N ASP A 63 1.79 7.56 4.06
CA ASP A 63 0.98 8.53 4.77
C ASP A 63 1.85 9.61 5.43
N ALA A 64 1.48 10.87 5.25
CA ALA A 64 2.31 11.96 5.75
C ALA A 64 2.32 12.02 7.28
N GLY A 65 1.35 11.37 7.90
CA GLY A 65 1.28 11.29 9.35
C GLY A 65 2.07 10.12 9.91
N ASN A 66 2.90 9.52 9.07
CA ASN A 66 3.86 8.52 9.52
C ASN A 66 3.26 7.20 10.00
N THR A 67 2.12 6.83 9.42
CA THR A 67 1.48 5.57 9.81
C THR A 67 2.04 4.38 9.05
N GLY A 68 2.77 4.64 7.96
CA GLY A 68 3.33 3.60 7.12
C GLY A 68 2.35 3.10 6.05
N VAL A 69 1.13 3.62 6.06
CA VAL A 69 0.14 3.23 5.06
C VAL A 69 0.48 3.81 3.69
N ILE A 70 0.48 2.97 2.66
CA ILE A 70 0.87 3.39 1.32
C ILE A 70 -0.35 3.54 0.41
N THR A 71 -0.42 4.67 -0.28
CA THR A 71 -1.46 4.87 -1.31
C THR A 71 -0.80 4.83 -2.67
N ILE A 72 -1.28 3.94 -3.53
CA ILE A 72 -0.86 3.91 -4.92
C ILE A 72 -1.94 4.58 -5.74
N THR A 73 -1.56 5.61 -6.48
CA THR A 73 -2.47 6.33 -7.37
C THR A 73 -2.10 6.00 -8.80
N TYR A 74 -3.06 5.52 -9.58
CA TYR A 74 -2.82 5.12 -10.96
C TYR A 74 -3.17 6.22 -11.95
N VAL A 75 -2.50 6.21 -13.10
CA VAL A 75 -2.86 7.12 -14.18
C VAL A 75 -4.08 6.51 -14.87
N ALA A 76 -5.25 7.02 -14.53
CA ALA A 76 -6.50 6.39 -14.93
C ALA A 76 -6.58 6.12 -16.43
N ASP A 77 -6.22 7.10 -17.26
CA ASP A 77 -6.41 6.91 -18.70
C ASP A 77 -5.32 6.08 -19.40
N GLN A 78 -4.27 5.71 -18.66
CA GLN A 78 -3.27 4.79 -19.20
C GLN A 78 -3.60 3.35 -18.78
N VAL A 79 -4.23 3.22 -17.62
CA VAL A 79 -4.55 1.92 -17.07
C VAL A 79 -5.89 1.41 -17.59
N GLY A 80 -6.86 2.32 -17.69
CA GLY A 80 -8.22 1.96 -18.07
C GLY A 80 -9.22 2.06 -16.94
N LEU A 81 -8.99 3.00 -16.01
CA LEU A 81 -9.81 3.12 -14.82
C LEU A 81 -10.66 4.39 -14.83
N PRO A 82 -11.73 4.41 -14.03
CA PRO A 82 -12.51 5.64 -13.84
C PRO A 82 -11.62 6.74 -13.26
N THR A 83 -11.94 8.00 -13.57
CA THR A 83 -11.09 9.12 -13.18
C THR A 83 -10.85 9.19 -11.68
N ALA A 84 -11.85 8.79 -10.89
CA ALA A 84 -11.72 8.82 -9.44
C ALA A 84 -11.68 7.41 -8.85
N GLY A 85 -11.54 6.41 -9.72
CA GLY A 85 -11.48 5.03 -9.25
C GLY A 85 -10.09 4.44 -9.38
N ASN A 86 -9.09 5.13 -8.87
CA ASN A 86 -7.71 4.89 -9.27
C ASN A 86 -6.70 4.66 -8.16
N THR A 87 -7.17 4.35 -6.95
CA THR A 87 -6.22 4.13 -5.86
C THR A 87 -6.35 2.78 -5.21
N LEU A 88 -5.19 2.28 -4.76
CA LEU A 88 -5.10 1.14 -3.87
C LEU A 88 -4.42 1.58 -2.58
N ILE A 89 -4.80 0.95 -1.47
CA ILE A 89 -4.19 1.21 -0.18
C ILE A 89 -3.47 -0.04 0.31
N LEU A 90 -2.23 0.11 0.74
CA LEU A 90 -1.47 -0.98 1.37
C LEU A 90 -1.24 -0.61 2.83
N SER A 91 -1.79 -1.43 3.74
CA SER A 91 -1.77 -1.13 5.17
C SER A 91 -0.92 -2.17 5.89
N PRO A 92 0.12 -1.71 6.61
CA PRO A 92 1.04 -2.64 7.29
C PRO A 92 0.67 -2.96 8.74
N TYR A 93 1.00 -4.19 9.15
CA TYR A 93 0.75 -4.67 10.50
C TYR A 93 1.96 -5.44 10.99
N ILE A 94 2.20 -5.42 12.29
CA ILE A 94 3.20 -6.31 12.85
C ILE A 94 2.53 -7.52 13.46
N ASN A 95 3.04 -8.68 13.08
CA ASN A 95 2.57 -9.98 13.55
C ASN A 95 3.58 -10.51 14.57
N ASP A 96 3.14 -10.66 15.82
CA ASP A 96 4.00 -11.14 16.88
C ASP A 96 3.95 -12.67 17.04
N GLY A 97 3.29 -13.34 16.10
CA GLY A 97 3.16 -14.78 16.14
C GLY A 97 1.71 -15.09 16.40
N ASN A 98 1.05 -14.23 17.17
CA ASN A 98 -0.28 -14.50 17.70
C ASN A 98 -1.35 -13.49 17.30
N THR A 99 -0.94 -12.25 17.11
CA THR A 99 -1.88 -11.18 16.79
C THR A 99 -1.25 -10.19 15.81
N ARG A 100 -2.10 -9.54 15.02
CA ARG A 100 -1.66 -8.41 14.20
C ARG A 100 -2.08 -7.08 14.82
N THR A 101 -1.15 -6.13 14.81
N THR A 101 -1.13 -6.04 14.77
CA THR A 101 -1.43 -4.78 15.26
CA THR A 101 -1.41 -4.69 15.22
C THR A 101 -0.91 -3.80 14.21
C THR A 101 -0.89 -3.71 14.16
N ALA A 102 -1.64 -2.71 13.96
CA ALA A 102 -1.22 -1.70 13.00
C ALA A 102 0.24 -1.32 13.22
N LEU A 103 1.00 -1.19 12.13
CA LEU A 103 2.43 -0.90 12.22
C LEU A 103 2.76 0.25 13.18
N ALA A 104 2.10 1.39 13.01
CA ALA A 104 2.44 2.58 13.79
C ALA A 104 2.28 2.30 15.29
N THR A 105 1.23 1.58 15.64
CA THR A 105 0.97 1.27 17.04
C THR A 105 2.02 0.29 17.57
N ALA A 106 2.31 -0.73 16.78
CA ALA A 106 3.30 -1.72 17.16
C ALA A 106 4.70 -1.12 17.33
N VAL A 107 5.02 -0.29 16.43
CA VAL A 107 6.36 0.30 16.52
C VAL A 107 6.47 1.21 17.73
N ALA A 108 5.51 1.95 18.03
CA ALA A 108 5.51 2.81 19.22
C ALA A 108 5.66 1.99 20.49
N ALA A 109 5.07 0.80 20.50
CA ALA A 109 5.11 -0.08 21.66
C ALA A 109 6.38 -0.92 21.73
N GLY A 110 7.16 -0.91 20.67
CA GLY A 110 8.36 -1.73 20.58
C GLY A 110 8.05 -3.20 20.35
N THR A 111 6.86 -3.48 19.80
CA THR A 111 6.44 -4.86 19.57
C THR A 111 7.23 -5.47 18.42
N ARG A 112 7.87 -6.58 18.66
CA ARG A 112 8.71 -7.17 17.67
C ARG A 112 7.93 -8.25 16.88
N GLY A 113 8.27 -8.43 15.65
CA GLY A 113 7.59 -9.40 14.81
C GLY A 113 7.85 -9.12 13.34
N THR A 114 7.09 -9.78 12.49
CA THR A 114 7.24 -9.60 11.05
C THR A 114 6.12 -8.70 10.55
N ILE A 115 6.31 -8.13 9.37
CA ILE A 115 5.35 -7.17 8.83
C ILE A 115 4.44 -7.81 7.77
N ASP A 116 3.14 -7.67 7.97
CA ASP A 116 2.14 -8.17 7.04
C ASP A 116 1.45 -6.99 6.39
N TRP A 117 1.09 -7.13 5.12
CA TRP A 117 0.44 -6.06 4.39
C TRP A 117 -0.91 -6.49 3.87
N ALA A 118 -1.89 -5.61 4.05
CA ALA A 118 -3.23 -5.77 3.48
C ALA A 118 -3.40 -4.80 2.33
N CYS A 119 -3.90 -5.30 1.19
CA CYS A 119 -4.20 -4.43 0.06
C CYS A 119 -5.70 -4.27 -0.07
N THR A 120 -6.17 -3.02 -0.16
CA THR A 120 -7.56 -2.76 -0.34
C THR A 120 -7.85 -1.84 -1.58
N SER A 121 -8.91 -2.14 -2.27
CA SER A 121 -9.41 -1.35 -3.37
C SER A 121 -10.76 -0.77 -2.91
N ALA A 122 -11.65 -0.55 -3.83
CA ALA A 122 -13.00 -0.22 -3.40
C ALA A 122 -13.63 -1.32 -2.50
N SER A 123 -13.10 -2.52 -2.59
CA SER A 123 -13.50 -3.61 -1.70
C SER A 123 -12.31 -4.17 -0.93
N ASN A 124 -12.61 -4.92 0.11
CA ASN A 124 -11.63 -5.44 1.00
C ASN A 124 -11.91 -6.89 1.45
N ALA A 125 -12.51 -7.65 0.56
CA ALA A 125 -12.89 -9.01 0.91
C ALA A 125 -11.69 -9.93 1.15
N THR A 126 -10.63 -9.77 0.38
CA THR A 126 -9.48 -10.66 0.52
C THR A 126 -8.75 -10.38 1.82
N ALA A 127 -8.44 -9.12 2.08
CA ALA A 127 -7.77 -8.77 3.32
C ALA A 127 -8.61 -9.20 4.51
N THR A 128 -9.91 -9.01 4.42
CA THR A 128 -10.81 -9.42 5.49
C THR A 128 -10.74 -10.93 5.73
N ALA A 129 -10.75 -11.71 4.66
CA ALA A 129 -10.64 -13.16 4.78
C ALA A 129 -9.28 -13.59 5.35
N GLN A 130 -8.24 -12.79 5.12
CA GLN A 130 -6.91 -13.09 5.62
C GLN A 130 -6.75 -12.65 7.07
N GLY A 131 -7.82 -12.10 7.63
CA GLY A 131 -7.86 -11.72 9.03
C GLY A 131 -7.49 -10.29 9.38
N PHE A 132 -7.27 -9.45 8.37
CA PHE A 132 -6.89 -8.07 8.62
C PHE A 132 -8.11 -7.23 8.94
N THR A 133 -8.06 -6.18 9.86
CA THR A 133 -9.09 -5.24 10.21
C THR A 133 -8.53 -3.80 10.24
N GLY A 134 -9.37 -2.93 10.01
CA GLY A 134 -9.06 -1.53 10.18
C GLY A 134 -8.53 -0.74 8.98
N MSE A 135 -8.43 -1.38 7.81
CA MSE A 135 -7.84 -0.74 6.63
C MSE A 135 -8.72 0.36 6.07
O MSE A 135 -9.93 0.19 5.97
CB MSE A 135 -7.62 -1.74 5.49
CG MSE A 135 -6.77 -2.92 5.82
SE MSE A 135 -7.82 -4.33 6.66
CE MSE A 135 -9.07 -4.71 5.20
N ALA A 136 -8.11 1.46 5.65
CA ALA A 136 -8.81 2.43 4.84
C ALA A 136 -9.19 1.82 3.49
N ALA A 137 -10.17 2.40 2.82
CA ALA A 137 -10.60 1.89 1.53
C ALA A 137 -9.87 2.57 0.39
N GLY A 138 -9.50 1.80 -0.62
CA GLY A 138 -9.03 2.35 -1.87
C GLY A 138 -10.22 2.67 -2.78
N SER A 139 -9.95 2.86 -4.07
CA SER A 139 -10.99 3.29 -5.00
C SER A 139 -11.01 2.57 -6.36
N VAL A 140 -10.00 1.76 -6.66
CA VAL A 140 -10.06 0.94 -7.86
C VAL A 140 -11.28 0.01 -7.77
N PRO A 141 -12.17 0.03 -8.79
CA PRO A 141 -13.32 -0.87 -8.70
C PRO A 141 -12.85 -2.31 -8.63
N GLN A 142 -13.58 -3.15 -7.89
CA GLN A 142 -13.11 -4.49 -7.61
C GLN A 142 -12.84 -5.31 -8.87
N GLU A 143 -13.64 -5.12 -9.92
CA GLU A 143 -13.45 -5.92 -11.13
C GLU A 143 -12.12 -5.59 -11.84
N PHE A 144 -11.48 -4.49 -11.46
CA PHE A 144 -10.23 -4.05 -12.08
C PHE A 144 -9.04 -4.27 -11.15
N ALA A 145 -9.28 -4.86 -10.00
CA ALA A 145 -8.22 -5.12 -9.04
C ALA A 145 -7.79 -6.57 -9.03
N PRO A 146 -6.48 -6.83 -8.86
CA PRO A 146 -6.06 -8.22 -8.72
C PRO A 146 -6.57 -8.82 -7.42
N ALA A 147 -6.56 -10.14 -7.31
CA ALA A 147 -7.17 -10.84 -6.18
C ALA A 147 -6.81 -10.33 -4.78
N GLN A 148 -5.55 -10.02 -4.54
N GLN A 148 -5.55 -10.01 -4.55
CA GLN A 148 -5.17 -9.67 -3.17
CA GLN A 148 -5.16 -9.61 -3.22
C GLN A 148 -5.72 -8.32 -2.74
C GLN A 148 -5.75 -8.31 -2.72
N CYS A 149 -6.28 -7.56 -3.66
CA CYS A 149 -6.83 -6.24 -3.38
C CYS A 149 -8.32 -6.12 -3.49
N ARG A 150 -9.01 -7.21 -3.84
CA ARG A 150 -10.47 -7.26 -3.85
C ARG A 150 -11.03 -7.60 -2.47
S SO4 B . -7.10 -12.47 -10.60
O1 SO4 B . -7.22 -12.28 -12.19
O2 SO4 B . -5.95 -13.26 -10.41
O3 SO4 B . -7.04 -11.17 -10.09
O4 SO4 B . -8.31 -13.20 -10.26
#